data_9IUH
#
_entry.id   9IUH
#
_cell.length_a   123.060
_cell.length_b   50.420
_cell.length_c   95.330
_cell.angle_alpha   90.00
_cell.angle_beta   126.53
_cell.angle_gamma   90.00
#
_symmetry.space_group_name_H-M   'C 1 2 1'
#
loop_
_entity.id
_entity.type
_entity.pdbx_description
1 polymer 'Glycoside hydrolase family 18 protein'
2 water water
#
_entity_poly.entity_id   1
_entity_poly.type   'polypeptide(L)'
_entity_poly.pdbx_seq_one_letter_code
;EQKVVAGYFADWQYANAENPYTVKDIPADKLTHVIYAFLSMCGPHTGASETVQNLVAKQCEGKDPYTAIIVDTEAALEKN
FGAVSVNVPYKGHFAQLAEMKKQHPDLKILPSFGGWTMSEPFHAMAKNKQAMDQFSKSAVELIAQYDFFDGIDLDWEYPG
GGGLTTSPWNPDTKLSDEQKASEREAFTYLVKTMRAELDELTNQTKREYELSTAVGVGPKAAGIDWKAAEPYLTNMFAMT
YDFLGGWGQQTGHTTNLHATERSWWGMGADVFINQMIELGIPSEKLVIGAAFYGRGWQGTKDFSGGLPTQDLVSEQGAQF
GTGENGYFMFWDLVKNYGAKQGYEYKYDEQSQAPYLWNPEKKVFISYEDQRSIKAKANWAKQANLGGIFTWELSGDPKGE
LVEVMYQEMQK
;
_entity_poly.pdbx_strand_id   A
#
# COMPACT_ATOMS: atom_id res chain seq x y z
N GLU A 1 -9.80 -15.33 -16.59
CA GLU A 1 -8.45 -14.82 -17.01
C GLU A 1 -8.42 -13.30 -16.95
N GLN A 2 -9.09 -12.70 -15.94
CA GLN A 2 -8.99 -11.27 -15.75
C GLN A 2 -7.92 -10.98 -14.70
N LYS A 3 -7.16 -9.91 -14.90
CA LYS A 3 -6.06 -9.55 -14.03
C LYS A 3 -6.57 -8.61 -12.94
N VAL A 4 -5.79 -8.51 -11.87
CA VAL A 4 -6.03 -7.53 -10.82
C VAL A 4 -5.60 -6.12 -11.29
N VAL A 5 -6.49 -5.14 -11.01
CA VAL A 5 -6.26 -3.69 -11.11
C VAL A 5 -6.84 -3.06 -9.84
N ALA A 6 -5.96 -2.90 -8.85
CA ALA A 6 -6.40 -2.55 -7.51
C ALA A 6 -5.96 -1.14 -7.14
N GLY A 7 -6.80 -0.46 -6.37
CA GLY A 7 -6.48 0.90 -5.92
C GLY A 7 -6.69 1.02 -4.41
N TYR A 8 -5.65 1.51 -3.67
CA TYR A 8 -5.77 1.88 -2.27
C TYR A 8 -6.48 3.23 -2.13
N PHE A 9 -7.47 3.22 -1.23
CA PHE A 9 -8.22 4.40 -0.81
C PHE A 9 -7.89 4.74 0.65
N ALA A 10 -7.25 5.91 0.88
CA ALA A 10 -6.96 6.40 2.22
C ALA A 10 -8.19 7.09 2.82
N ASP A 11 -8.53 6.68 4.06
CA ASP A 11 -9.73 7.14 4.72
C ASP A 11 -9.64 8.60 5.16
N TRP A 12 -8.44 9.21 5.17
CA TRP A 12 -8.26 10.55 5.74
C TRP A 12 -8.26 11.67 4.70
N GLN A 13 -8.13 11.32 3.44
CA GLN A 13 -7.93 12.33 2.39
C GLN A 13 -9.16 13.22 2.16
N TYR A 14 -10.37 12.81 2.57
CA TYR A 14 -11.54 13.66 2.38
C TYR A 14 -11.35 15.00 3.10
N ALA A 15 -10.52 15.02 4.15
CA ALA A 15 -10.32 16.21 4.99
C ALA A 15 -9.09 16.99 4.58
N ASN A 16 -8.46 16.61 3.47
CA ASN A 16 -7.35 17.37 2.93
C ASN A 16 -7.88 18.67 2.33
N ALA A 17 -7.36 19.82 2.80
CA ALA A 17 -7.91 21.11 2.44
C ALA A 17 -7.66 21.40 0.95
N GLU A 18 -6.52 20.98 0.40
CA GLU A 18 -6.17 21.31 -0.97
C GLU A 18 -6.78 20.30 -1.95
N ASN A 19 -6.95 19.02 -1.58
CA ASN A 19 -7.29 17.94 -2.52
C ASN A 19 -8.21 16.97 -1.80
N PRO A 20 -9.47 17.35 -1.54
CA PRO A 20 -10.40 16.47 -0.84
C PRO A 20 -10.66 15.32 -1.85
N TYR A 21 -10.58 14.10 -1.38
CA TYR A 21 -10.93 12.95 -2.22
C TYR A 21 -11.79 11.97 -1.41
N THR A 22 -12.88 11.48 -2.05
CA THR A 22 -13.91 10.72 -1.34
C THR A 22 -14.18 9.45 -2.17
N VAL A 23 -15.05 8.59 -1.66
CA VAL A 23 -15.39 7.37 -2.38
C VAL A 23 -16.05 7.68 -3.74
N LYS A 24 -16.79 8.78 -3.83
CA LYS A 24 -17.52 9.15 -5.03
C LYS A 24 -16.54 9.60 -6.12
N ASP A 25 -15.26 9.77 -5.79
CA ASP A 25 -14.27 10.13 -6.80
C ASP A 25 -13.51 8.91 -7.32
N ILE A 26 -13.67 7.74 -6.68
CA ILE A 26 -13.00 6.53 -7.12
C ILE A 26 -13.48 6.18 -8.54
N PRO A 27 -12.56 5.89 -9.49
CA PRO A 27 -12.92 5.39 -10.81
C PRO A 27 -13.29 3.90 -10.84
N ALA A 28 -14.49 3.58 -10.32
CA ALA A 28 -14.79 2.22 -9.91
C ALA A 28 -14.96 1.32 -11.11
N ASP A 29 -15.32 1.89 -12.25
CA ASP A 29 -15.49 1.10 -13.48
C ASP A 29 -14.12 0.62 -14.01
N LYS A 30 -13.00 1.17 -13.52
CA LYS A 30 -11.68 0.84 -14.05
C LYS A 30 -10.83 0.04 -13.05
N LEU A 31 -11.42 -0.45 -11.96
CA LEU A 31 -10.69 -1.22 -10.94
C LEU A 31 -11.38 -2.56 -10.78
N THR A 32 -10.59 -3.59 -10.41
CA THR A 32 -11.15 -4.84 -9.92
C THR A 32 -11.27 -4.85 -8.41
N HIS A 33 -10.44 -4.02 -7.71
CA HIS A 33 -10.40 -4.01 -6.26
C HIS A 33 -10.22 -2.58 -5.75
N VAL A 34 -10.91 -2.28 -4.67
CA VAL A 34 -10.67 -1.09 -3.85
C VAL A 34 -10.23 -1.59 -2.48
N ILE A 35 -9.09 -1.08 -1.98
CA ILE A 35 -8.58 -1.48 -0.67
C ILE A 35 -8.67 -0.29 0.27
N TYR A 36 -9.47 -0.40 1.35
CA TYR A 36 -9.76 0.71 2.25
C TYR A 36 -8.68 0.74 3.34
N ALA A 37 -7.95 1.87 3.44
CA ALA A 37 -6.84 2.00 4.39
C ALA A 37 -7.14 3.03 5.47
N PHE A 38 -7.14 2.66 6.77
CA PHE A 38 -6.71 1.40 7.34
C PHE A 38 -7.57 1.14 8.58
N LEU A 39 -7.76 -0.15 8.88
CA LEU A 39 -8.32 -0.63 10.14
C LEU A 39 -7.19 -1.18 11.03
N SER A 40 -7.55 -1.60 12.24
CA SER A 40 -6.53 -2.07 13.17
C SER A 40 -7.14 -3.05 14.18
N MET A 41 -6.45 -3.17 15.31
CA MET A 41 -6.87 -4.12 16.33
C MET A 41 -6.63 -3.54 17.73
N CYS A 42 -7.27 -4.14 18.72
CA CYS A 42 -7.13 -3.64 20.08
C CYS A 42 -5.81 -4.10 20.70
N GLY A 43 -4.79 -3.26 20.58
CA GLY A 43 -3.43 -3.61 20.93
C GLY A 43 -2.66 -2.32 21.02
N PRO A 44 -1.34 -2.37 21.28
CA PRO A 44 -0.54 -1.15 21.46
C PRO A 44 -0.29 -0.34 20.19
N HIS A 45 -0.41 0.98 20.31
CA HIS A 45 -0.16 1.93 19.23
C HIS A 45 0.69 3.10 19.76
N THR A 46 1.70 2.79 20.59
CA THR A 46 2.56 3.80 21.19
C THR A 46 3.31 4.60 20.14
N GLY A 47 3.59 4.00 18.97
CA GLY A 47 4.32 4.68 17.92
C GLY A 47 3.45 5.59 17.07
N ALA A 48 2.11 5.45 17.18
CA ALA A 48 1.20 6.27 16.40
C ALA A 48 1.01 7.63 17.06
N SER A 49 0.32 8.55 16.36
CA SER A 49 -0.09 9.84 16.89
C SER A 49 -1.01 9.68 18.09
N GLU A 50 -1.04 10.71 18.93
CA GLU A 50 -1.90 10.70 20.10
C GLU A 50 -3.38 10.59 19.71
N THR A 51 -3.74 11.21 18.59
CA THR A 51 -5.09 11.13 18.04
C THR A 51 -5.50 9.67 17.83
N VAL A 52 -4.62 8.95 17.16
CA VAL A 52 -4.88 7.55 16.84
C VAL A 52 -4.96 6.72 18.13
N GLN A 53 -4.02 6.93 19.07
CA GLN A 53 -4.06 6.20 20.33
C GLN A 53 -5.40 6.38 21.04
N ASN A 54 -5.95 7.60 21.04
CA ASN A 54 -7.24 7.83 21.69
C ASN A 54 -8.39 7.18 20.95
N LEU A 55 -8.35 7.20 19.62
CA LEU A 55 -9.36 6.52 18.85
C LEU A 55 -9.33 5.03 19.15
N VAL A 56 -8.14 4.42 19.22
CA VAL A 56 -8.04 3.01 19.55
C VAL A 56 -8.63 2.79 20.95
N ALA A 57 -8.34 3.69 21.89
CA ALA A 57 -8.86 3.53 23.25
C ALA A 57 -10.39 3.58 23.30
N LYS A 58 -10.99 4.47 22.52
CA LYS A 58 -12.44 4.58 22.47
C LYS A 58 -13.09 3.33 21.89
N GLN A 59 -12.56 2.76 20.80
CA GLN A 59 -13.23 1.63 20.18
C GLN A 59 -13.09 0.38 21.03
N CYS A 60 -12.05 0.30 21.85
CA CYS A 60 -11.68 -0.97 22.49
C CYS A 60 -12.28 -1.10 23.89
N GLU A 61 -13.04 -0.09 24.35
CA GLU A 61 -13.77 -0.19 25.61
C GLU A 61 -14.80 -1.30 25.47
N GLY A 62 -14.74 -2.33 26.33
CA GLY A 62 -15.72 -3.40 26.24
C GLY A 62 -15.24 -4.59 25.41
N LYS A 63 -14.15 -4.42 24.66
CA LYS A 63 -13.76 -5.44 23.70
C LYS A 63 -12.58 -6.27 24.22
N ASP A 64 -12.52 -7.51 23.77
CA ASP A 64 -11.39 -8.36 24.05
C ASP A 64 -10.12 -7.79 23.43
N PRO A 65 -8.96 -8.08 24.05
CA PRO A 65 -7.67 -7.75 23.45
C PRO A 65 -7.56 -8.35 22.04
N TYR A 66 -7.05 -7.53 21.10
CA TYR A 66 -6.77 -7.89 19.72
C TYR A 66 -8.03 -8.10 18.89
N THR A 67 -9.19 -7.61 19.37
CA THR A 67 -10.38 -7.47 18.56
C THR A 67 -10.06 -6.53 17.39
N ALA A 68 -10.44 -6.96 16.18
CA ALA A 68 -10.46 -6.16 14.94
C ALA A 68 -11.38 -4.93 15.12
N ILE A 69 -10.88 -3.74 14.76
CA ILE A 69 -11.64 -2.51 14.96
C ILE A 69 -11.53 -1.57 13.75
N ILE A 70 -12.60 -0.78 13.56
CA ILE A 70 -12.51 0.47 12.82
C ILE A 70 -11.84 1.49 13.74
N VAL A 71 -10.86 2.25 13.21
CA VAL A 71 -10.15 3.23 14.02
C VAL A 71 -10.84 4.60 13.87
N ASP A 72 -10.78 5.18 12.69
CA ASP A 72 -11.43 6.45 12.44
C ASP A 72 -12.92 6.20 12.12
N THR A 73 -13.77 6.12 13.16
CA THR A 73 -15.18 5.82 12.95
C THR A 73 -15.92 7.05 12.42
N GLU A 74 -15.42 8.25 12.72
CA GLU A 74 -15.98 9.44 12.12
C GLU A 74 -15.97 9.31 10.59
N ALA A 75 -14.80 9.01 10.05
CA ALA A 75 -14.60 8.87 8.62
C ALA A 75 -15.40 7.67 8.07
N ALA A 76 -15.33 6.52 8.74
CA ALA A 76 -15.95 5.31 8.22
C ALA A 76 -17.49 5.32 8.34
N LEU A 77 -18.07 5.88 9.41
CA LEU A 77 -19.47 5.64 9.74
C LEU A 77 -20.34 6.89 9.96
N GLU A 78 -19.76 8.06 10.22
CA GLU A 78 -20.56 9.19 10.69
C GLU A 78 -20.63 10.37 9.71
N LYS A 79 -19.50 10.74 9.07
CA LYS A 79 -19.44 11.88 8.15
C LYS A 79 -20.48 11.69 7.05
N ASN A 80 -21.29 12.73 6.79
CA ASN A 80 -22.28 12.62 5.74
C ASN A 80 -21.66 13.03 4.40
N PHE A 81 -21.26 12.04 3.59
CA PHE A 81 -20.74 12.26 2.25
C PHE A 81 -21.84 12.39 1.19
N GLY A 82 -23.10 12.25 1.60
CA GLY A 82 -24.24 12.41 0.73
C GLY A 82 -25.20 11.23 0.87
N ALA A 83 -26.47 11.50 0.51
CA ALA A 83 -27.49 10.46 0.45
C ALA A 83 -27.10 9.35 -0.54
N VAL A 84 -27.54 8.12 -0.23
CA VAL A 84 -27.24 6.95 -1.02
C VAL A 84 -28.56 6.20 -1.15
N SER A 85 -28.63 5.31 -2.15
CA SER A 85 -29.84 4.55 -2.43
C SER A 85 -29.91 3.37 -1.46
N VAL A 86 -28.76 2.79 -1.07
CA VAL A 86 -28.76 1.64 -0.15
C VAL A 86 -29.30 2.07 1.19
N ASN A 87 -29.99 1.14 1.86
CA ASN A 87 -30.54 1.39 3.17
C ASN A 87 -29.62 0.72 4.20
N VAL A 88 -28.78 1.54 4.84
CA VAL A 88 -27.80 1.03 5.78
C VAL A 88 -27.90 1.91 7.02
N PRO A 89 -27.65 1.36 8.23
CA PRO A 89 -27.72 2.13 9.47
C PRO A 89 -26.48 2.95 9.83
N TYR A 90 -25.80 3.53 8.83
CA TYR A 90 -24.60 4.29 9.08
C TYR A 90 -24.43 5.22 7.87
N LYS A 91 -23.53 6.19 8.00
CA LYS A 91 -23.14 7.07 6.91
C LYS A 91 -21.64 6.83 6.69
N GLY A 92 -20.84 7.90 6.62
CA GLY A 92 -19.40 7.72 6.42
C GLY A 92 -19.02 7.13 5.06
N HIS A 93 -17.72 6.83 4.94
CA HIS A 93 -17.18 6.14 3.78
C HIS A 93 -17.91 4.82 3.58
N PHE A 94 -18.29 4.14 4.67
CA PHE A 94 -18.81 2.78 4.52
C PHE A 94 -20.18 2.81 3.81
N ALA A 95 -20.99 3.84 4.04
CA ALA A 95 -22.26 3.94 3.30
C ALA A 95 -21.97 4.17 1.82
N GLN A 96 -20.92 4.95 1.53
CA GLN A 96 -20.56 5.17 0.13
C GLN A 96 -19.99 3.90 -0.52
N LEU A 97 -19.22 3.10 0.23
CA LEU A 97 -18.70 1.84 -0.28
C LEU A 97 -19.85 0.88 -0.54
N ALA A 98 -20.82 0.83 0.35
CA ALA A 98 -22.00 0.00 0.07
C ALA A 98 -22.74 0.40 -1.22
N GLU A 99 -22.87 1.69 -1.47
CA GLU A 99 -23.52 2.20 -2.67
C GLU A 99 -22.66 1.86 -3.90
N MET A 100 -21.33 1.96 -3.76
CA MET A 100 -20.43 1.70 -4.87
C MET A 100 -20.51 0.21 -5.21
N LYS A 101 -20.62 -0.66 -4.20
CA LYS A 101 -20.75 -2.11 -4.44
C LYS A 101 -22.09 -2.43 -5.13
N LYS A 102 -23.13 -1.67 -4.78
CA LYS A 102 -24.42 -1.87 -5.40
C LYS A 102 -24.35 -1.55 -6.90
N GLN A 103 -23.76 -0.39 -7.20
CA GLN A 103 -23.70 0.11 -8.58
C GLN A 103 -22.63 -0.58 -9.43
N HIS A 104 -21.72 -1.33 -8.80
CA HIS A 104 -20.59 -1.99 -9.46
C HIS A 104 -20.42 -3.36 -8.83
N PRO A 105 -21.39 -4.26 -9.06
CA PRO A 105 -21.40 -5.56 -8.41
C PRO A 105 -20.23 -6.49 -8.65
N ASP A 106 -19.46 -6.25 -9.73
CA ASP A 106 -18.29 -7.08 -10.01
C ASP A 106 -17.05 -6.55 -9.28
N LEU A 107 -17.10 -5.34 -8.72
CA LEU A 107 -15.99 -4.82 -7.92
C LEU A 107 -15.82 -5.61 -6.63
N LYS A 108 -14.55 -5.80 -6.21
CA LYS A 108 -14.31 -6.30 -4.87
C LYS A 108 -13.77 -5.17 -3.99
N ILE A 109 -14.16 -5.23 -2.73
CA ILE A 109 -13.76 -4.22 -1.77
C ILE A 109 -13.18 -4.94 -0.56
N LEU A 110 -11.94 -4.60 -0.20
CA LEU A 110 -11.27 -5.17 0.96
C LEU A 110 -10.90 -4.09 1.98
N PRO A 111 -11.00 -4.39 3.31
CA PRO A 111 -10.42 -3.55 4.36
C PRO A 111 -8.96 -3.95 4.51
N SER A 112 -8.08 -2.96 4.70
CA SER A 112 -6.68 -3.24 5.01
C SER A 112 -6.42 -2.99 6.51
N PHE A 113 -5.93 -4.03 7.19
CA PHE A 113 -5.52 -3.93 8.59
C PHE A 113 -4.02 -3.73 8.69
N GLY A 114 -3.64 -2.63 9.35
CA GLY A 114 -2.26 -2.27 9.65
C GLY A 114 -1.83 -0.96 9.00
N GLY A 115 -0.86 -1.08 8.08
CA GLY A 115 -0.18 0.06 7.49
C GLY A 115 0.98 0.53 8.35
N TRP A 116 1.70 1.56 7.89
CA TRP A 116 2.95 1.97 8.55
C TRP A 116 2.77 2.25 10.06
N THR A 117 1.79 3.12 10.43
CA THR A 117 1.67 3.57 11.81
C THR A 117 0.85 2.63 12.69
N MET A 118 0.15 1.65 12.09
CA MET A 118 -0.68 0.77 12.90
C MET A 118 -0.28 -0.70 12.75
N SER A 119 0.98 -0.96 12.38
CA SER A 119 1.50 -2.34 12.31
C SER A 119 1.92 -2.85 13.70
N GLU A 120 2.33 -1.93 14.57
CA GLU A 120 2.82 -2.18 15.92
C GLU A 120 2.04 -3.25 16.66
N PRO A 121 0.68 -3.22 16.76
CA PRO A 121 -0.02 -4.22 17.55
C PRO A 121 0.15 -5.64 17.04
N PHE A 122 0.47 -5.83 15.74
CA PHE A 122 0.62 -7.19 15.24
C PHE A 122 1.73 -7.95 15.98
N HIS A 123 2.80 -7.23 16.35
CA HIS A 123 3.98 -7.81 16.99
C HIS A 123 3.63 -8.33 18.38
N ALA A 124 2.69 -7.66 19.05
CA ALA A 124 2.16 -8.10 20.34
C ALA A 124 1.21 -9.29 20.17
N MET A 125 0.23 -9.16 19.26
CA MET A 125 -0.73 -10.23 18.98
C MET A 125 -0.01 -11.55 18.69
N ALA A 126 1.13 -11.45 17.99
CA ALA A 126 1.80 -12.62 17.44
C ALA A 126 2.43 -13.50 18.52
N LYS A 127 2.59 -12.96 19.74
CA LYS A 127 3.13 -13.70 20.87
C LYS A 127 2.12 -14.70 21.43
N ASN A 128 0.89 -14.74 20.90
CA ASN A 128 -0.14 -15.48 21.60
C ASN A 128 -1.19 -16.04 20.64
N LYS A 129 -1.41 -17.35 20.68
CA LYS A 129 -2.31 -17.98 19.73
C LYS A 129 -3.75 -17.53 19.95
N GLN A 130 -4.13 -17.31 21.21
CA GLN A 130 -5.48 -16.87 21.53
C GLN A 130 -5.73 -15.45 21.02
N ALA A 131 -4.71 -14.58 21.08
CA ALA A 131 -4.78 -13.23 20.53
C ALA A 131 -4.99 -13.29 19.01
N MET A 132 -4.22 -14.14 18.33
CA MET A 132 -4.37 -14.33 16.90
C MET A 132 -5.74 -14.92 16.58
N ASP A 133 -6.27 -15.79 17.46
CA ASP A 133 -7.56 -16.38 17.25
C ASP A 133 -8.64 -15.30 17.35
N GLN A 134 -8.47 -14.35 18.28
CA GLN A 134 -9.47 -13.34 18.53
C GLN A 134 -9.48 -12.36 17.34
N PHE A 135 -8.30 -11.99 16.85
CA PHE A 135 -8.21 -11.07 15.72
C PHE A 135 -8.88 -11.68 14.50
N SER A 136 -8.57 -12.95 14.22
CA SER A 136 -9.11 -13.65 13.06
C SER A 136 -10.64 -13.72 13.15
N LYS A 137 -11.16 -14.21 14.28
CA LYS A 137 -12.60 -14.36 14.40
C LYS A 137 -13.29 -13.00 14.28
N SER A 138 -12.77 -11.98 14.97
CA SER A 138 -13.42 -10.70 15.01
C SER A 138 -13.28 -9.95 13.68
N ALA A 139 -12.17 -10.14 12.96
CA ALA A 139 -12.01 -9.53 11.63
C ALA A 139 -13.07 -10.04 10.65
N VAL A 140 -13.37 -11.33 10.71
CA VAL A 140 -14.37 -11.95 9.88
C VAL A 140 -15.78 -11.49 10.29
N GLU A 141 -16.06 -11.38 11.58
CA GLU A 141 -17.33 -10.86 12.07
C GLU A 141 -17.52 -9.41 11.59
N LEU A 142 -16.42 -8.66 11.55
CA LEU A 142 -16.49 -7.26 11.10
C LEU A 142 -16.94 -7.20 9.63
N ILE A 143 -16.34 -8.01 8.74
CA ILE A 143 -16.78 -7.97 7.34
C ILE A 143 -18.14 -8.66 7.17
N ALA A 144 -18.52 -9.59 8.08
CA ALA A 144 -19.86 -10.16 8.02
C ALA A 144 -20.91 -9.08 8.27
N GLN A 145 -20.59 -8.11 9.13
CA GLN A 145 -21.52 -7.04 9.46
C GLN A 145 -21.54 -5.97 8.38
N TYR A 146 -20.35 -5.66 7.82
CA TYR A 146 -20.25 -4.66 6.76
C TYR A 146 -20.10 -5.39 5.43
N ASP A 147 -21.23 -5.91 4.91
CA ASP A 147 -21.15 -7.04 4.03
C ASP A 147 -20.90 -6.66 2.57
N PHE A 148 -20.67 -5.36 2.26
CA PHE A 148 -20.07 -5.01 0.98
C PHE A 148 -18.62 -5.45 0.84
N PHE A 149 -17.92 -5.78 1.93
CA PHE A 149 -16.53 -6.23 1.86
C PHE A 149 -16.46 -7.66 1.33
N ASP A 150 -15.39 -7.99 0.60
CA ASP A 150 -15.25 -9.27 -0.08
C ASP A 150 -14.11 -10.13 0.47
N GLY A 151 -13.65 -9.81 1.69
CA GLY A 151 -12.50 -10.45 2.32
C GLY A 151 -11.71 -9.50 3.21
N ILE A 152 -10.43 -9.88 3.44
CA ILE A 152 -9.53 -9.20 4.36
C ILE A 152 -8.18 -9.02 3.66
N ASP A 153 -7.60 -7.81 3.79
CA ASP A 153 -6.22 -7.54 3.40
C ASP A 153 -5.39 -7.24 4.65
N LEU A 154 -4.21 -7.87 4.72
CA LEU A 154 -3.26 -7.67 5.81
C LEU A 154 -2.11 -6.79 5.34
N ASP A 155 -1.82 -5.73 6.11
CA ASP A 155 -0.71 -4.84 5.82
C ASP A 155 0.19 -4.71 7.05
N TRP A 156 0.64 -5.87 7.53
CA TRP A 156 1.57 -5.94 8.65
C TRP A 156 2.98 -5.66 8.14
N GLU A 157 3.50 -4.47 8.47
CA GLU A 157 4.81 -4.02 8.05
C GLU A 157 5.76 -4.01 9.24
N TYR A 158 6.45 -5.13 9.52
CA TYR A 158 6.51 -6.38 8.79
C TYR A 158 6.85 -7.47 9.80
N PRO A 159 6.49 -8.76 9.57
CA PRO A 159 6.99 -9.86 10.39
C PRO A 159 8.51 -9.87 10.25
N GLY A 160 9.20 -9.89 11.39
CA GLY A 160 10.66 -9.86 11.40
C GLY A 160 11.26 -8.46 11.45
N GLY A 161 10.41 -7.41 11.53
CA GLY A 161 10.88 -6.05 11.72
C GLY A 161 11.08 -5.28 10.42
N GLY A 162 11.66 -4.08 10.54
CA GLY A 162 11.79 -3.14 9.44
C GLY A 162 10.65 -2.12 9.37
N GLY A 163 9.82 -2.05 10.41
CA GLY A 163 8.71 -1.12 10.43
C GLY A 163 8.98 0.06 11.37
N LEU A 164 7.91 0.80 11.66
CA LEU A 164 8.00 2.04 12.44
C LEU A 164 8.60 1.79 13.82
N THR A 165 8.16 0.76 14.53
CA THR A 165 8.56 0.54 15.92
C THR A 165 9.56 -0.59 16.01
N THR A 166 10.15 -0.98 14.86
CA THR A 166 10.91 -2.22 14.76
C THR A 166 12.13 -2.06 13.86
N SER A 167 12.74 -0.88 13.85
CA SER A 167 13.81 -0.58 12.91
C SER A 167 15.05 -1.43 13.19
N PRO A 168 15.71 -1.97 12.15
CA PRO A 168 16.95 -2.74 12.33
C PRO A 168 18.18 -1.85 12.46
N TRP A 169 17.99 -0.53 12.48
CA TRP A 169 19.11 0.37 12.51
C TRP A 169 19.17 1.09 13.86
N ASN A 170 18.44 0.55 14.84
CA ASN A 170 18.54 1.03 16.20
C ASN A 170 18.53 -0.19 17.13
N PRO A 171 19.65 -0.43 17.84
CA PRO A 171 19.76 -1.45 18.87
C PRO A 171 18.53 -1.82 19.72
N ASP A 172 17.75 -0.85 20.23
CA ASP A 172 16.71 -1.23 21.19
C ASP A 172 15.35 -1.40 20.54
N THR A 173 15.25 -1.33 19.20
CA THR A 173 14.01 -1.67 18.51
C THR A 173 14.23 -2.81 17.51
N LYS A 174 15.45 -2.96 17.00
CA LYS A 174 15.86 -4.11 16.19
C LYS A 174 15.43 -5.42 16.88
N LEU A 175 14.78 -6.34 16.13
CA LEU A 175 14.24 -7.57 16.68
C LEU A 175 15.32 -8.65 16.78
N SER A 176 15.20 -9.53 17.77
CA SER A 176 16.14 -10.61 17.95
C SER A 176 15.94 -11.62 16.81
N ASP A 177 16.84 -12.61 16.73
CA ASP A 177 16.68 -13.72 15.80
C ASP A 177 15.53 -14.59 16.29
N GLU A 178 15.33 -14.60 17.62
CA GLU A 178 14.35 -15.47 18.25
C GLU A 178 12.94 -14.93 18.00
N GLN A 179 12.81 -13.61 18.01
CA GLN A 179 11.52 -12.98 17.73
C GLN A 179 11.23 -13.11 16.25
N LYS A 180 12.22 -12.84 15.41
CA LYS A 180 12.09 -13.09 13.99
C LYS A 180 11.51 -14.49 13.74
N ALA A 181 12.05 -15.52 14.43
CA ALA A 181 11.67 -16.89 14.15
C ALA A 181 10.23 -17.09 14.59
N SER A 182 9.91 -16.46 15.72
CA SER A 182 8.60 -16.52 16.34
C SER A 182 7.52 -15.92 15.41
N GLU A 183 7.81 -14.74 14.87
CA GLU A 183 6.89 -14.01 13.98
C GLU A 183 6.74 -14.72 12.62
N ARG A 184 7.80 -15.38 12.13
CA ARG A 184 7.73 -16.20 10.93
C ARG A 184 6.63 -17.23 11.07
N GLU A 185 6.61 -17.90 12.23
CA GLU A 185 5.67 -18.98 12.45
C GLU A 185 4.28 -18.41 12.73
N ALA A 186 4.22 -17.21 13.34
CA ALA A 186 2.94 -16.60 13.69
C ALA A 186 2.21 -16.16 12.43
N PHE A 187 2.98 -15.69 11.42
CA PHE A 187 2.36 -15.21 10.20
C PHE A 187 1.60 -16.37 9.56
N THR A 188 2.24 -17.55 9.51
CA THR A 188 1.62 -18.72 8.95
C THR A 188 0.37 -19.07 9.74
N TYR A 189 0.48 -19.09 11.07
CA TYR A 189 -0.67 -19.42 11.88
C TYR A 189 -1.82 -18.44 11.61
N LEU A 190 -1.48 -17.15 11.55
CA LEU A 190 -2.45 -16.10 11.34
C LEU A 190 -3.24 -16.31 10.05
N VAL A 191 -2.53 -16.53 8.93
CA VAL A 191 -3.21 -16.63 7.64
C VAL A 191 -3.98 -17.94 7.58
N LYS A 192 -3.48 -18.99 8.25
CA LYS A 192 -4.19 -20.27 8.27
C LYS A 192 -5.53 -20.11 8.96
N THR A 193 -5.48 -19.44 10.11
CA THR A 193 -6.64 -19.26 10.97
C THR A 193 -7.65 -18.32 10.31
N MET A 194 -7.20 -17.18 9.77
CA MET A 194 -8.09 -16.28 9.05
C MET A 194 -8.77 -16.96 7.86
N ARG A 195 -8.04 -17.80 7.14
CA ARG A 195 -8.58 -18.48 5.97
C ARG A 195 -9.68 -19.46 6.40
N ALA A 196 -9.44 -20.13 7.53
CA ALA A 196 -10.43 -21.03 8.07
C ALA A 196 -11.69 -20.27 8.52
N GLU A 197 -11.53 -19.13 9.24
CA GLU A 197 -12.68 -18.32 9.61
C GLU A 197 -13.46 -17.84 8.37
N LEU A 198 -12.76 -17.44 7.29
CA LEU A 198 -13.46 -16.97 6.09
C LEU A 198 -14.22 -18.11 5.43
N ASP A 199 -13.61 -19.30 5.45
CA ASP A 199 -14.27 -20.48 4.90
C ASP A 199 -15.60 -20.77 5.61
N GLU A 200 -15.60 -20.64 6.96
CA GLU A 200 -16.83 -20.77 7.73
C GLU A 200 -17.86 -19.74 7.26
N LEU A 201 -17.44 -18.48 7.06
CA LEU A 201 -18.39 -17.47 6.62
C LEU A 201 -19.03 -17.88 5.29
N THR A 202 -18.20 -18.38 4.35
CA THR A 202 -18.64 -18.85 3.05
C THR A 202 -19.75 -19.91 3.19
N ASN A 203 -19.60 -20.83 4.14
CA ASN A 203 -20.57 -21.89 4.31
C ASN A 203 -21.93 -21.33 4.73
N GLN A 204 -21.92 -20.15 5.35
CA GLN A 204 -23.15 -19.49 5.77
C GLN A 204 -23.72 -18.67 4.62
N THR A 205 -22.88 -17.86 3.95
CA THR A 205 -23.40 -16.89 2.99
C THR A 205 -23.39 -17.39 1.55
N LYS A 206 -22.54 -18.38 1.28
CA LYS A 206 -22.31 -18.94 -0.04
C LYS A 206 -21.64 -17.92 -0.95
N ARG A 207 -21.00 -16.89 -0.38
CA ARG A 207 -20.12 -16.01 -1.13
C ARG A 207 -18.67 -16.45 -0.95
N GLU A 208 -17.80 -16.08 -1.90
CA GLU A 208 -16.37 -16.29 -1.80
C GLU A 208 -15.73 -15.02 -1.22
N TYR A 209 -14.70 -15.25 -0.42
CA TYR A 209 -13.93 -14.18 0.23
C TYR A 209 -12.46 -14.37 -0.09
N GLU A 210 -11.76 -13.24 -0.25
CA GLU A 210 -10.34 -13.25 -0.51
C GLU A 210 -9.62 -12.90 0.79
N LEU A 211 -8.41 -13.45 0.92
CA LEU A 211 -7.49 -13.09 1.98
C LEU A 211 -6.16 -12.79 1.32
N SER A 212 -5.69 -11.55 1.50
CA SER A 212 -4.54 -11.04 0.80
C SER A 212 -3.62 -10.32 1.78
N THR A 213 -2.38 -10.08 1.32
CA THR A 213 -1.34 -9.43 2.11
C THR A 213 -0.44 -8.52 1.25
N ALA A 214 0.04 -7.43 1.87
CA ALA A 214 1.17 -6.64 1.38
C ALA A 214 2.44 -7.44 1.63
N VAL A 215 3.45 -7.27 0.75
CA VAL A 215 4.74 -7.89 0.91
C VAL A 215 5.79 -6.80 0.73
N GLY A 216 6.71 -6.67 1.68
CA GLY A 216 7.80 -5.72 1.57
C GLY A 216 8.87 -6.22 0.62
N VAL A 217 9.74 -5.32 0.16
CA VAL A 217 10.78 -5.70 -0.78
C VAL A 217 12.07 -6.09 -0.06
N GLY A 218 12.89 -6.90 -0.76
CA GLY A 218 14.21 -7.33 -0.30
C GLY A 218 14.10 -8.13 1.00
N PRO A 219 14.86 -7.77 2.04
CA PRO A 219 14.72 -8.41 3.36
C PRO A 219 13.34 -8.39 4.00
N LYS A 220 12.52 -7.37 3.70
CA LYS A 220 11.23 -7.22 4.38
C LYS A 220 10.27 -8.33 3.97
N ALA A 221 10.64 -9.07 2.90
CA ALA A 221 9.88 -10.19 2.36
C ALA A 221 10.31 -11.50 3.00
N ALA A 222 11.51 -11.54 3.56
CA ALA A 222 12.11 -12.83 3.90
C ALA A 222 11.78 -13.21 5.34
N GLY A 223 11.07 -12.35 6.07
CA GLY A 223 10.57 -12.70 7.39
C GLY A 223 9.39 -13.65 7.37
N ILE A 224 8.92 -14.04 6.16
CA ILE A 224 7.71 -14.84 6.02
C ILE A 224 8.07 -16.14 5.33
N ASP A 225 7.45 -17.23 5.78
CA ASP A 225 7.62 -18.55 5.17
C ASP A 225 6.58 -18.70 4.07
N TRP A 226 6.93 -18.24 2.86
CA TRP A 226 5.97 -18.16 1.77
C TRP A 226 5.53 -19.53 1.33
N LYS A 227 6.41 -20.56 1.40
CA LYS A 227 5.99 -21.90 0.98
C LYS A 227 4.86 -22.41 1.88
N ALA A 228 4.94 -22.11 3.18
CA ALA A 228 3.91 -22.47 4.16
C ALA A 228 2.66 -21.58 4.09
N ALA A 229 2.83 -20.27 3.85
CA ALA A 229 1.73 -19.29 3.94
C ALA A 229 0.94 -19.12 2.64
N GLU A 230 1.56 -19.25 1.48
CA GLU A 230 0.92 -18.90 0.22
C GLU A 230 -0.36 -19.71 0.00
N PRO A 231 -0.51 -21.01 0.37
CA PRO A 231 -1.76 -21.71 0.05
C PRO A 231 -3.02 -21.05 0.64
N TYR A 232 -2.90 -20.22 1.68
CA TYR A 232 -4.01 -19.56 2.35
C TYR A 232 -4.36 -18.21 1.72
N LEU A 233 -3.54 -17.74 0.76
CA LEU A 233 -3.57 -16.34 0.34
C LEU A 233 -3.96 -16.23 -1.11
N THR A 234 -4.68 -15.14 -1.40
CA THR A 234 -5.25 -14.88 -2.71
C THR A 234 -4.28 -14.06 -3.54
N ASN A 235 -3.90 -12.88 -3.03
CA ASN A 235 -2.90 -12.06 -3.70
C ASN A 235 -1.86 -11.52 -2.73
N MET A 236 -0.66 -11.28 -3.29
CA MET A 236 0.41 -10.61 -2.58
C MET A 236 0.71 -9.27 -3.27
N PHE A 237 0.44 -8.18 -2.56
CA PHE A 237 0.60 -6.83 -3.09
C PHE A 237 2.05 -6.40 -2.83
N ALA A 238 2.87 -6.45 -3.89
CA ALA A 238 4.31 -6.20 -3.75
C ALA A 238 4.56 -4.68 -3.66
N MET A 239 5.17 -4.22 -2.57
CA MET A 239 5.34 -2.80 -2.29
C MET A 239 6.59 -2.28 -3.01
N THR A 240 6.52 -2.27 -4.34
CA THR A 240 7.62 -1.89 -5.23
C THR A 240 7.68 -0.38 -5.49
N TYR A 241 7.96 0.35 -4.42
CA TYR A 241 8.13 1.80 -4.36
C TYR A 241 8.87 2.16 -3.06
N ASP A 242 9.13 3.47 -2.84
CA ASP A 242 9.99 3.96 -1.77
C ASP A 242 11.35 3.27 -1.72
N PHE A 243 11.97 3.09 -2.89
CA PHE A 243 13.29 2.49 -2.92
C PHE A 243 14.37 3.46 -2.41
N LEU A 244 14.13 4.75 -2.71
CA LEU A 244 14.96 5.87 -2.28
C LEU A 244 14.03 6.97 -1.82
N GLY A 245 14.55 7.93 -1.05
CA GLY A 245 13.69 9.03 -0.63
C GLY A 245 14.47 10.02 0.22
N GLY A 246 13.73 11.01 0.73
CA GLY A 246 14.29 12.17 1.39
C GLY A 246 14.95 11.84 2.73
N TRP A 247 14.81 10.60 3.21
CA TRP A 247 15.48 10.09 4.37
C TRP A 247 16.97 9.88 4.16
N GLY A 248 17.46 9.86 2.90
CA GLY A 248 18.86 9.64 2.64
C GLY A 248 19.32 10.55 1.51
N GLN A 249 20.64 10.78 1.42
CA GLN A 249 21.19 11.60 0.33
C GLN A 249 21.21 10.88 -1.03
N GLN A 250 21.11 9.54 -1.02
CA GLN A 250 21.12 8.70 -2.22
C GLN A 250 19.89 9.06 -3.07
N THR A 251 20.17 9.67 -4.23
CA THR A 251 19.21 10.28 -5.11
C THR A 251 19.01 9.36 -6.34
N GLY A 252 17.76 9.16 -6.79
CA GLY A 252 17.49 8.26 -7.90
C GLY A 252 16.04 7.81 -7.99
N HIS A 253 15.79 6.73 -8.74
CA HIS A 253 14.41 6.28 -8.92
C HIS A 253 13.83 5.71 -7.63
N THR A 254 12.53 6.02 -7.41
CA THR A 254 11.79 5.65 -6.20
C THR A 254 11.07 4.32 -6.45
N THR A 255 10.70 4.06 -7.72
CA THR A 255 9.82 2.95 -8.09
C THR A 255 10.08 2.46 -9.52
N ASN A 256 11.35 2.31 -9.86
CA ASN A 256 11.71 1.95 -11.22
C ASN A 256 11.39 0.50 -11.52
N LEU A 257 10.66 0.27 -12.63
CA LEU A 257 10.44 -1.10 -13.13
C LEU A 257 11.73 -1.93 -13.24
N HIS A 258 12.78 -1.43 -13.91
CA HIS A 258 13.95 -2.23 -14.25
C HIS A 258 15.18 -1.77 -13.45
N ALA A 259 15.84 -2.71 -12.76
CA ALA A 259 17.19 -2.50 -12.27
C ALA A 259 18.11 -2.31 -13.47
N THR A 260 19.14 -1.49 -13.28
CA THR A 260 20.20 -1.34 -14.27
C THR A 260 21.53 -1.15 -13.50
N GLU A 261 22.61 -1.13 -14.25
CA GLU A 261 23.92 -0.93 -13.67
C GLU A 261 23.95 0.46 -13.06
N ARG A 262 23.02 1.32 -13.43
CA ARG A 262 22.98 2.67 -12.88
C ARG A 262 22.07 2.80 -11.65
N SER A 263 21.40 1.71 -11.23
CA SER A 263 20.59 1.71 -10.01
C SER A 263 21.46 1.77 -8.76
N TRP A 264 21.01 2.52 -7.76
CA TRP A 264 21.53 2.39 -6.41
C TRP A 264 21.31 0.95 -5.95
N TRP A 265 22.40 0.31 -5.50
CA TRP A 265 22.38 -1.02 -4.91
C TRP A 265 21.63 -2.05 -5.77
N GLY A 266 21.65 -1.90 -7.09
CA GLY A 266 21.02 -2.89 -7.96
C GLY A 266 19.49 -2.97 -7.84
N MET A 267 18.84 -1.90 -7.38
CA MET A 267 17.38 -1.96 -7.11
C MET A 267 16.52 -1.76 -8.36
N GLY A 268 15.40 -2.47 -8.40
CA GLY A 268 14.34 -2.30 -9.38
C GLY A 268 13.17 -3.19 -9.00
N ALA A 269 11.98 -2.88 -9.51
CA ALA A 269 10.80 -3.67 -9.19
C ALA A 269 10.99 -5.12 -9.69
N ASP A 270 11.61 -5.26 -10.85
CA ASP A 270 11.77 -6.59 -11.46
C ASP A 270 12.56 -7.51 -10.56
N VAL A 271 13.74 -7.04 -10.09
CA VAL A 271 14.64 -7.78 -9.21
C VAL A 271 13.93 -8.18 -7.92
N PHE A 272 13.14 -7.27 -7.34
CA PHE A 272 12.44 -7.57 -6.10
C PHE A 272 11.29 -8.56 -6.29
N ILE A 273 10.57 -8.44 -7.42
CA ILE A 273 9.52 -9.39 -7.76
C ILE A 273 10.13 -10.79 -7.98
N ASN A 274 11.27 -10.83 -8.69
CA ASN A 274 11.89 -12.13 -8.97
C ASN A 274 12.35 -12.79 -7.66
N GLN A 275 12.86 -12.02 -6.71
CA GLN A 275 13.23 -12.59 -5.41
C GLN A 275 12.02 -13.16 -4.67
N MET A 276 10.87 -12.46 -4.73
CA MET A 276 9.64 -12.94 -4.09
C MET A 276 9.21 -14.29 -4.70
N ILE A 277 9.34 -14.41 -6.02
CA ILE A 277 9.02 -15.65 -6.72
C ILE A 277 9.97 -16.75 -6.23
N GLU A 278 11.27 -16.45 -6.16
CA GLU A 278 12.26 -17.38 -5.63
C GLU A 278 11.93 -17.84 -4.21
N LEU A 279 11.32 -16.98 -3.39
CA LEU A 279 11.01 -17.33 -2.00
C LEU A 279 9.77 -18.23 -1.92
N GLY A 280 9.06 -18.42 -3.02
CA GLY A 280 7.92 -19.34 -3.04
C GLY A 280 6.55 -18.70 -3.28
N ILE A 281 6.50 -17.38 -3.57
CA ILE A 281 5.25 -16.77 -3.98
C ILE A 281 4.97 -17.08 -5.46
N PRO A 282 3.86 -17.78 -5.78
CA PRO A 282 3.54 -18.05 -7.17
C PRO A 282 3.38 -16.73 -7.91
N SER A 283 3.98 -16.64 -9.10
CA SER A 283 3.92 -15.39 -9.86
C SER A 283 2.48 -14.91 -10.07
N GLU A 284 1.55 -15.84 -10.36
CA GLU A 284 0.18 -15.47 -10.66
C GLU A 284 -0.54 -14.81 -9.48
N LYS A 285 -0.04 -14.90 -8.23
CA LYS A 285 -0.67 -14.25 -7.09
C LYS A 285 -0.09 -12.85 -6.85
N LEU A 286 1.05 -12.54 -7.47
CA LEU A 286 1.75 -11.31 -7.16
C LEU A 286 1.12 -10.14 -7.91
N VAL A 287 1.13 -8.96 -7.26
CA VAL A 287 0.54 -7.79 -7.88
C VAL A 287 1.58 -6.68 -7.77
N ILE A 288 2.07 -6.19 -8.92
CA ILE A 288 3.15 -5.19 -8.93
C ILE A 288 2.59 -3.83 -8.49
N GLY A 289 3.43 -3.08 -7.74
CA GLY A 289 3.04 -1.79 -7.15
C GLY A 289 3.46 -0.62 -8.01
N ALA A 290 2.50 0.27 -8.24
CA ALA A 290 2.70 1.59 -8.83
C ALA A 290 2.33 2.68 -7.83
N ALA A 291 2.97 3.84 -8.03
CA ALA A 291 2.85 4.96 -7.11
C ALA A 291 2.24 6.14 -7.81
N PHE A 292 1.34 6.84 -7.11
CA PHE A 292 0.76 8.06 -7.66
C PHE A 292 1.35 9.27 -7.00
N TYR A 293 2.64 9.14 -6.68
CA TYR A 293 3.39 10.24 -6.10
C TYR A 293 4.86 10.03 -6.50
N GLY A 294 5.69 11.01 -6.16
CA GLY A 294 7.12 10.95 -6.31
C GLY A 294 7.86 11.49 -5.10
N ARG A 295 9.19 11.34 -5.11
CA ARG A 295 10.01 11.88 -4.03
C ARG A 295 11.13 12.72 -4.62
N GLY A 296 11.61 13.73 -3.85
CA GLY A 296 12.56 14.65 -4.43
C GLY A 296 13.66 15.10 -3.48
N TRP A 297 14.72 15.66 -4.06
CA TRP A 297 15.90 16.13 -3.35
C TRP A 297 16.28 17.53 -3.82
N GLN A 298 17.02 18.23 -2.96
CA GLN A 298 17.60 19.51 -3.33
C GLN A 298 19.13 19.48 -3.22
N GLY A 299 19.79 20.38 -3.95
CA GLY A 299 21.24 20.46 -3.92
C GLY A 299 21.89 19.21 -4.52
N THR A 300 21.30 18.70 -5.64
CA THR A 300 21.84 17.51 -6.28
C THR A 300 23.25 17.83 -6.77
N LYS A 301 24.21 16.98 -6.43
CA LYS A 301 25.63 17.18 -6.78
C LYS A 301 26.04 16.36 -8.00
N ASP A 302 27.09 16.79 -8.71
CA ASP A 302 27.67 15.98 -9.78
C ASP A 302 26.58 15.50 -10.73
N PHE A 303 25.74 16.40 -11.22
CA PHE A 303 24.65 16.04 -12.11
C PHE A 303 24.29 17.22 -13.00
N SER A 304 24.13 16.91 -14.29
CA SER A 304 23.90 17.89 -15.33
C SER A 304 22.72 17.57 -16.26
N GLY A 305 21.75 16.74 -15.85
CA GLY A 305 20.60 16.46 -16.71
C GLY A 305 20.65 15.13 -17.45
N GLY A 306 21.75 14.37 -17.24
CA GLY A 306 21.93 13.09 -17.90
C GLY A 306 21.09 11.98 -17.26
N LEU A 307 21.49 10.76 -17.51
CA LEU A 307 20.83 9.64 -16.86
C LEU A 307 21.23 9.59 -15.38
N PRO A 308 20.33 9.17 -14.49
CA PRO A 308 20.67 8.99 -13.09
C PRO A 308 21.62 7.81 -12.93
N THR A 309 22.57 7.91 -11.99
CA THR A 309 23.65 6.93 -11.82
C THR A 309 23.68 6.30 -10.42
N GLN A 310 24.56 5.27 -10.27
CA GLN A 310 24.57 4.44 -9.07
C GLN A 310 25.28 5.12 -7.89
N ASP A 311 25.71 6.38 -8.09
CA ASP A 311 26.47 7.16 -7.13
C ASP A 311 25.85 8.53 -6.91
N LEU A 312 24.65 8.77 -7.44
CA LEU A 312 24.10 10.10 -7.44
C LEU A 312 23.65 10.48 -6.02
N VAL A 313 24.10 11.63 -5.54
CA VAL A 313 23.74 12.10 -4.20
C VAL A 313 23.36 13.58 -4.23
N SER A 314 22.56 13.97 -3.25
CA SER A 314 22.13 15.36 -3.04
C SER A 314 22.43 15.79 -1.62
N GLU A 315 22.32 17.11 -1.36
CA GLU A 315 22.56 17.65 -0.02
C GLU A 315 21.56 17.07 0.98
N GLN A 316 20.28 17.07 0.60
CA GLN A 316 19.25 16.50 1.45
C GLN A 316 17.95 16.32 0.65
N GLY A 317 16.99 15.61 1.23
CA GLY A 317 15.65 15.62 0.69
C GLY A 317 15.05 17.02 0.57
N ALA A 318 14.18 17.21 -0.43
CA ALA A 318 13.52 18.49 -0.66
C ALA A 318 12.85 18.98 0.60
N GLN A 319 13.10 20.26 0.97
CA GLN A 319 12.39 20.92 2.03
C GLN A 319 11.09 21.57 1.52
N PHE A 320 10.30 20.79 0.78
CA PHE A 320 9.03 21.24 0.22
C PHE A 320 8.35 19.96 -0.20
N GLY A 321 7.04 20.02 -0.43
CA GLY A 321 6.32 18.82 -0.81
C GLY A 321 4.82 19.11 -0.85
N THR A 322 3.99 18.12 -1.12
CA THR A 322 2.56 18.36 -1.23
C THR A 322 1.91 18.64 0.12
N GLY A 323 2.44 18.01 1.15
CA GLY A 323 1.98 18.14 2.51
C GLY A 323 3.17 18.22 3.45
N GLU A 324 3.64 17.07 3.94
CA GLU A 324 4.95 17.05 4.58
C GLU A 324 6.01 17.10 3.49
N ASN A 325 7.21 17.47 3.87
CA ASN A 325 8.27 17.70 2.89
C ASN A 325 8.77 16.38 2.27
N GLY A 326 9.18 16.46 0.99
CA GLY A 326 10.00 15.42 0.36
C GLY A 326 9.21 14.49 -0.55
N TYR A 327 7.87 14.60 -0.52
CA TYR A 327 7.07 13.76 -1.43
C TYR A 327 6.08 14.68 -2.12
N PHE A 328 5.68 14.24 -3.34
CA PHE A 328 4.93 15.08 -4.26
C PHE A 328 3.84 14.23 -4.91
N MET A 329 2.55 14.57 -4.67
CA MET A 329 1.51 13.85 -5.37
C MET A 329 1.63 14.13 -6.87
N PHE A 330 1.16 13.18 -7.67
CA PHE A 330 1.22 13.34 -9.14
C PHE A 330 0.58 14.64 -9.63
N TRP A 331 -0.63 15.00 -9.11
CA TRP A 331 -1.30 16.23 -9.56
C TRP A 331 -0.46 17.49 -9.27
N ASP A 332 0.27 17.46 -8.17
CA ASP A 332 1.09 18.60 -7.72
C ASP A 332 2.33 18.74 -8.65
N LEU A 333 2.92 17.61 -9.04
CA LEU A 333 4.03 17.66 -9.99
C LEU A 333 3.55 18.23 -11.32
N VAL A 334 2.39 17.74 -11.84
CA VAL A 334 1.89 18.25 -13.12
C VAL A 334 1.70 19.77 -13.07
N LYS A 335 1.13 20.27 -11.97
CA LYS A 335 0.74 21.67 -11.88
C LYS A 335 1.91 22.60 -11.56
N ASN A 336 2.84 22.14 -10.73
CA ASN A 336 3.79 23.04 -10.10
C ASN A 336 5.26 22.70 -10.33
N TYR A 337 5.58 21.56 -10.97
CA TYR A 337 6.96 21.12 -11.11
C TYR A 337 7.21 20.71 -12.56
N GLY A 338 6.78 21.60 -13.47
CA GLY A 338 6.83 21.39 -14.91
C GLY A 338 7.76 22.38 -15.62
N ALA A 339 7.62 22.42 -16.96
CA ALA A 339 8.46 23.26 -17.79
C ALA A 339 8.39 24.73 -17.40
N LYS A 340 7.19 25.22 -17.09
CA LYS A 340 7.00 26.63 -16.78
C LYS A 340 7.69 27.00 -15.48
N GLN A 341 7.88 26.01 -14.59
CA GLN A 341 8.56 26.21 -13.31
C GLN A 341 10.03 25.81 -13.36
N GLY A 342 10.58 25.62 -14.57
CA GLY A 342 12.01 25.36 -14.72
C GLY A 342 12.41 23.88 -14.62
N TYR A 343 11.43 22.95 -14.68
CA TYR A 343 11.71 21.52 -14.60
C TYR A 343 11.55 20.88 -15.98
N GLU A 344 12.61 20.17 -16.41
CA GLU A 344 12.63 19.37 -17.61
C GLU A 344 12.25 17.93 -17.29
N TYR A 345 11.14 17.46 -17.90
CA TYR A 345 10.78 16.05 -17.91
C TYR A 345 11.80 15.23 -18.68
N LYS A 346 12.16 14.10 -18.10
CA LYS A 346 13.15 13.18 -18.66
C LYS A 346 12.63 11.76 -18.42
N TYR A 347 12.91 10.85 -19.36
CA TYR A 347 12.52 9.45 -19.24
C TYR A 347 13.75 8.57 -19.38
N ASP A 348 13.93 7.70 -18.39
CA ASP A 348 15.02 6.73 -18.33
C ASP A 348 14.53 5.43 -19.00
N GLU A 349 14.88 5.24 -20.28
CA GLU A 349 14.33 4.11 -21.06
C GLU A 349 14.75 2.76 -20.47
N GLN A 350 16.02 2.59 -20.02
CA GLN A 350 16.51 1.28 -19.56
C GLN A 350 15.75 0.96 -18.26
N SER A 351 15.53 1.96 -17.40
CA SER A 351 14.81 1.76 -16.14
C SER A 351 13.27 1.72 -16.31
N GLN A 352 12.77 2.34 -17.36
CA GLN A 352 11.36 2.62 -17.65
C GLN A 352 10.76 3.53 -16.57
N ALA A 353 11.38 4.70 -16.31
CA ALA A 353 10.98 5.52 -15.19
C ALA A 353 11.16 7.00 -15.54
N PRO A 354 10.19 7.90 -15.18
CA PRO A 354 10.36 9.32 -15.44
C PRO A 354 11.01 10.05 -14.28
N TYR A 355 11.61 11.19 -14.60
CA TYR A 355 12.14 12.06 -13.54
C TYR A 355 12.11 13.50 -14.04
N LEU A 356 12.32 14.45 -13.12
CA LEU A 356 12.27 15.89 -13.38
C LEU A 356 13.56 16.51 -12.86
N TRP A 357 14.24 17.29 -13.71
CA TRP A 357 15.43 18.03 -13.33
C TRP A 357 15.21 19.51 -13.52
N ASN A 358 15.58 20.28 -12.51
CA ASN A 358 15.57 21.74 -12.61
C ASN A 358 17.02 22.16 -12.53
N PRO A 359 17.66 22.50 -13.68
CA PRO A 359 19.11 22.76 -13.69
C PRO A 359 19.48 24.02 -12.92
N GLU A 360 18.58 24.98 -12.90
CA GLU A 360 18.88 26.24 -12.21
C GLU A 360 18.91 26.06 -10.71
N LYS A 361 17.96 25.28 -10.17
CA LYS A 361 17.77 25.10 -8.76
C LYS A 361 18.48 23.87 -8.20
N LYS A 362 18.94 22.97 -9.08
CA LYS A 362 19.50 21.68 -8.71
C LYS A 362 18.51 20.86 -7.88
N VAL A 363 17.28 20.69 -8.38
CA VAL A 363 16.31 19.81 -7.74
C VAL A 363 16.00 18.63 -8.67
N PHE A 364 16.08 17.42 -8.10
CA PHE A 364 15.80 16.14 -8.76
C PHE A 364 14.56 15.50 -8.13
N ILE A 365 13.58 15.13 -8.98
CA ILE A 365 12.38 14.45 -8.54
C ILE A 365 12.24 13.19 -9.38
N SER A 366 12.03 12.07 -8.68
CA SER A 366 11.66 10.78 -9.28
C SER A 366 10.16 10.57 -9.10
N TYR A 367 9.49 10.04 -10.13
CA TYR A 367 8.07 9.77 -9.95
C TYR A 367 7.61 8.68 -10.89
N GLU A 368 6.29 8.70 -11.15
CA GLU A 368 5.60 7.63 -11.89
C GLU A 368 4.53 8.27 -12.77
N ASP A 369 4.44 7.87 -14.05
CA ASP A 369 3.50 8.50 -14.96
C ASP A 369 2.83 7.46 -15.86
N GLN A 370 2.10 7.98 -16.87
CA GLN A 370 1.38 7.13 -17.81
C GLN A 370 2.30 6.09 -18.46
N ARG A 371 3.51 6.55 -18.81
CA ARG A 371 4.46 5.73 -19.53
C ARG A 371 5.04 4.60 -18.66
N SER A 372 5.53 4.91 -17.45
CA SER A 372 6.06 3.89 -16.53
C SER A 372 4.96 2.93 -16.07
N ILE A 373 3.75 3.43 -15.88
CA ILE A 373 2.62 2.56 -15.50
C ILE A 373 2.34 1.55 -16.62
N LYS A 374 2.28 2.02 -17.89
CA LYS A 374 2.06 1.16 -19.03
C LYS A 374 3.17 0.10 -19.10
N ALA A 375 4.40 0.51 -18.85
CA ALA A 375 5.53 -0.41 -18.85
C ALA A 375 5.38 -1.47 -17.75
N LYS A 376 4.95 -1.04 -16.55
CA LYS A 376 4.77 -1.99 -15.45
C LYS A 376 3.69 -3.02 -15.77
N ALA A 377 2.56 -2.53 -16.30
CA ALA A 377 1.42 -3.40 -16.63
C ALA A 377 1.83 -4.41 -17.70
N ASN A 378 2.54 -3.96 -18.74
CA ASN A 378 3.02 -4.87 -19.78
C ASN A 378 4.02 -5.89 -19.23
N TRP A 379 4.93 -5.45 -18.36
CA TRP A 379 5.90 -6.36 -17.79
C TRP A 379 5.22 -7.38 -16.90
N ALA A 380 4.19 -6.95 -16.16
CA ALA A 380 3.43 -7.86 -15.31
C ALA A 380 2.83 -8.98 -16.15
N LYS A 381 2.19 -8.62 -17.27
CA LYS A 381 1.67 -9.65 -18.18
C LYS A 381 2.76 -10.64 -18.61
N GLN A 382 3.89 -10.15 -19.14
CA GLN A 382 4.99 -10.95 -19.65
C GLN A 382 5.57 -11.87 -18.56
N ALA A 383 5.55 -11.43 -17.29
CA ALA A 383 6.15 -12.16 -16.17
C ALA A 383 5.14 -13.06 -15.46
N ASN A 384 3.92 -13.13 -15.98
CA ASN A 384 2.91 -14.05 -15.51
C ASN A 384 2.44 -13.64 -14.12
N LEU A 385 2.39 -12.33 -13.84
CA LEU A 385 1.87 -11.87 -12.56
C LEU A 385 0.35 -11.79 -12.55
N GLY A 386 -0.18 -11.59 -11.34
CA GLY A 386 -1.60 -11.46 -11.11
C GLY A 386 -2.18 -10.12 -11.56
N GLY A 387 -1.38 -9.05 -11.50
CA GLY A 387 -1.91 -7.74 -11.85
C GLY A 387 -1.05 -6.61 -11.28
N ILE A 388 -1.71 -5.45 -11.16
CA ILE A 388 -1.07 -4.19 -10.80
C ILE A 388 -1.96 -3.48 -9.78
N PHE A 389 -1.34 -2.67 -8.90
CA PHE A 389 -2.11 -1.89 -7.96
C PHE A 389 -1.43 -0.53 -7.80
N THR A 390 -2.20 0.42 -7.25
CA THR A 390 -1.68 1.77 -6.97
C THR A 390 -1.79 2.16 -5.50
N TRP A 391 -0.68 2.73 -4.95
CA TRP A 391 -0.66 3.54 -3.74
C TRP A 391 -0.41 4.99 -4.18
N GLU A 392 -1.38 5.92 -4.05
CA GLU A 392 -2.79 5.74 -3.64
C GLU A 392 -3.67 6.57 -4.58
N LEU A 393 -4.99 6.28 -4.67
CA LEU A 393 -5.87 6.80 -5.71
C LEU A 393 -5.94 8.33 -5.78
N SER A 394 -5.86 9.01 -4.63
CA SER A 394 -6.07 10.44 -4.58
C SER A 394 -4.92 11.22 -5.22
N GLY A 395 -3.79 10.55 -5.50
CA GLY A 395 -2.70 11.23 -6.19
C GLY A 395 -3.02 11.69 -7.60
N ASP A 396 -4.03 11.09 -8.27
CA ASP A 396 -4.47 11.58 -9.57
C ASP A 396 -5.99 11.71 -9.62
N PRO A 397 -6.59 12.81 -9.16
CA PRO A 397 -8.05 12.93 -9.22
C PRO A 397 -8.72 12.91 -10.59
N LYS A 398 -7.96 13.10 -11.68
CA LYS A 398 -8.52 12.94 -13.02
C LYS A 398 -8.88 11.49 -13.38
N GLY A 399 -8.32 10.49 -12.69
CA GLY A 399 -8.57 9.08 -13.01
C GLY A 399 -7.89 8.61 -14.30
N GLU A 400 -6.94 9.38 -14.80
CA GLU A 400 -6.21 9.01 -16.02
C GLU A 400 -5.16 7.91 -15.84
N LEU A 401 -4.33 7.99 -14.78
CA LEU A 401 -3.39 6.93 -14.50
C LEU A 401 -4.13 5.60 -14.29
N VAL A 402 -5.25 5.60 -13.55
CA VAL A 402 -5.97 4.32 -13.42
C VAL A 402 -6.47 3.80 -14.78
N GLU A 403 -6.89 4.72 -15.64
CA GLU A 403 -7.33 4.37 -16.99
C GLU A 403 -6.23 3.58 -17.73
N VAL A 404 -4.99 4.06 -17.64
CA VAL A 404 -3.85 3.39 -18.25
C VAL A 404 -3.62 2.01 -17.63
N MET A 405 -3.69 1.92 -16.30
CA MET A 405 -3.54 0.64 -15.62
C MET A 405 -4.58 -0.33 -16.17
N TYR A 406 -5.84 0.09 -16.17
CA TYR A 406 -6.89 -0.82 -16.61
C TYR A 406 -6.71 -1.23 -18.09
N GLN A 407 -6.51 -0.26 -18.98
CA GLN A 407 -6.42 -0.56 -20.40
C GLN A 407 -5.26 -1.51 -20.69
N GLU A 408 -4.10 -1.23 -20.10
CA GLU A 408 -2.91 -1.99 -20.42
C GLU A 408 -2.94 -3.35 -19.75
N MET A 409 -3.51 -3.47 -18.54
CA MET A 409 -3.41 -4.71 -17.79
C MET A 409 -4.41 -5.73 -18.33
N GLN A 410 -5.51 -5.26 -18.92
CA GLN A 410 -6.59 -6.14 -19.32
C GLN A 410 -6.52 -6.43 -20.82
N LYS A 411 -5.48 -5.95 -21.50
CA LYS A 411 -5.38 -6.21 -22.93
C LYS A 411 -4.76 -7.60 -23.13
#